data_1VHL
#
_entry.id   1VHL
#
_cell.length_a   55.617
_cell.length_b   80.519
_cell.length_c   75.311
_cell.angle_alpha   90.00
_cell.angle_beta   92.80
_cell.angle_gamma   90.00
#
_symmetry.space_group_name_H-M   'P 1 21 1'
#
loop_
_entity.id
_entity.type
_entity.pdbx_description
1 polymer 'Dephospho-CoA kinase'
2 non-polymer "ADENOSINE-5'-DIPHOSPHATE"
3 non-polymer 'ACETATE ION'
4 water water
#
_entity_poly.entity_id   1
_entity_poly.type   'polypeptide(L)'
_entity_poly.pdbx_seq_one_letter_code
;MSLRYIVALTGGIGSGKSTVANAFADLGINVIDADIIARQVVEPGAPALHAIADHFGANMIAADGTLQRRALRERIFANP
EEKNWLNALLHPLIQQETQHQIQQATSPYVLWVVPLLVENSLYKKANRVLVVDVSPETQLKRTMQRDDVTREHVEQILAA
QATREARLAVADDVIDNNGAPDAIASDVARLHAHYLQLASQFVSQEKPEGGSHHHHHH
;
_entity_poly.pdbx_strand_id   A,B,C
#
loop_
_chem_comp.id
_chem_comp.type
_chem_comp.name
_chem_comp.formula
ACT non-polymer 'ACETATE ION' 'C2 H3 O2 -1'
ADP non-polymer ADENOSINE-5'-DIPHOSPHATE 'C10 H15 N5 O10 P2'
#
# COMPACT_ATOMS: atom_id res chain seq x y z
N SER A 2 49.94 -3.21 -5.81
CA SER A 2 48.70 -2.78 -6.42
C SER A 2 47.52 -3.07 -5.48
N LEU A 3 46.46 -2.29 -5.65
CA LEU A 3 45.29 -2.48 -4.81
C LEU A 3 44.39 -3.52 -5.45
N ARG A 4 44.10 -4.59 -4.72
CA ARG A 4 43.25 -5.64 -5.27
C ARG A 4 41.77 -5.40 -4.93
N TYR A 5 40.90 -5.68 -5.84
CA TYR A 5 39.44 -5.50 -5.61
C TYR A 5 39.00 -6.76 -4.85
N ILE A 6 38.30 -6.54 -3.74
CA ILE A 6 37.86 -7.61 -2.87
C ILE A 6 36.36 -7.81 -2.89
N VAL A 7 35.93 -9.01 -3.31
CA VAL A 7 34.49 -9.30 -3.17
C VAL A 7 34.41 -10.36 -2.03
N ALA A 8 33.71 -10.05 -0.96
CA ALA A 8 33.56 -11.02 0.13
C ALA A 8 32.32 -11.87 -0.08
N LEU A 9 32.45 -13.18 0.10
CA LEU A 9 31.33 -14.10 0.03
C LEU A 9 31.02 -14.63 1.43
N THR A 10 29.73 -14.65 1.77
CA THR A 10 29.31 -15.18 3.06
C THR A 10 27.95 -15.84 2.88
N GLY A 11 27.56 -16.60 3.89
CA GLY A 11 26.29 -17.34 3.88
C GLY A 11 26.28 -18.20 5.13
N GLY A 12 25.11 -18.61 5.54
CA GLY A 12 25.04 -19.48 6.76
C GLY A 12 25.49 -20.89 6.40
N ILE A 13 25.53 -21.70 7.46
CA ILE A 13 25.91 -23.10 7.28
C ILE A 13 24.97 -23.80 6.32
N GLY A 14 25.64 -24.48 5.34
CA GLY A 14 24.87 -25.26 4.37
C GLY A 14 24.22 -24.43 3.28
N SER A 15 24.61 -23.18 3.05
CA SER A 15 23.97 -22.38 2.01
C SER A 15 24.61 -22.46 0.64
N GLY A 16 25.88 -22.77 0.55
CA GLY A 16 26.56 -22.88 -0.72
C GLY A 16 27.87 -22.11 -0.82
N LYS A 17 28.46 -21.73 0.32
CA LYS A 17 29.71 -21.00 0.24
C LYS A 17 30.74 -21.72 -0.62
N SER A 18 31.02 -22.99 -0.29
CA SER A 18 32.03 -23.73 -1.01
C SER A 18 31.72 -23.91 -2.48
N THR A 19 30.45 -24.26 -2.73
CA THR A 19 29.95 -24.46 -4.10
C THR A 19 30.11 -23.22 -4.95
N VAL A 20 29.68 -22.08 -4.35
CA VAL A 20 29.81 -20.82 -5.12
C VAL A 20 31.23 -20.44 -5.34
N ALA A 21 32.07 -20.62 -4.29
CA ALA A 21 33.48 -20.25 -4.39
C ALA A 21 34.12 -21.03 -5.54
N ASN A 22 33.83 -22.34 -5.60
CA ASN A 22 34.42 -23.13 -6.70
C ASN A 22 34.00 -22.61 -8.05
N ALA A 23 32.75 -22.12 -8.19
CA ALA A 23 32.27 -21.59 -9.45
C ALA A 23 33.08 -20.38 -9.87
N PHE A 24 33.43 -19.52 -8.88
CA PHE A 24 34.27 -18.37 -9.21
C PHE A 24 35.69 -18.82 -9.54
N ALA A 25 36.17 -19.81 -8.79
CA ALA A 25 37.54 -20.31 -9.05
C ALA A 25 37.62 -20.91 -10.43
N ASP A 26 36.56 -21.53 -10.92
CA ASP A 26 36.61 -22.10 -12.28
C ASP A 26 36.75 -20.98 -13.31
N LEU A 27 36.25 -19.78 -13.00
CA LEU A 27 36.40 -18.65 -13.92
C LEU A 27 37.73 -17.96 -13.80
N GLY A 28 38.67 -18.45 -12.97
CA GLY A 28 39.98 -17.86 -12.91
C GLY A 28 40.21 -16.92 -11.74
N ILE A 29 39.30 -16.91 -10.80
CA ILE A 29 39.46 -16.03 -9.65
C ILE A 29 40.13 -16.74 -8.47
N ASN A 30 41.11 -16.10 -7.87
CA ASN A 30 41.76 -16.68 -6.68
C ASN A 30 40.85 -16.52 -5.47
N VAL A 31 40.61 -17.62 -4.75
CA VAL A 31 39.75 -17.62 -3.56
C VAL A 31 40.62 -17.53 -2.31
N ILE A 32 40.37 -16.61 -1.43
CA ILE A 32 41.10 -16.44 -0.16
C ILE A 32 40.08 -16.83 0.93
N ASP A 33 40.33 -17.96 1.57
CA ASP A 33 39.35 -18.52 2.51
C ASP A 33 39.78 -18.34 3.95
N ALA A 34 38.93 -17.65 4.71
CA ALA A 34 39.22 -17.33 6.09
C ALA A 34 39.52 -18.56 6.96
N ASP A 35 38.88 -19.69 6.66
CA ASP A 35 39.18 -20.87 7.49
C ASP A 35 40.52 -21.46 7.11
N ILE A 36 40.93 -21.34 5.86
CA ILE A 36 42.26 -21.84 5.45
C ILE A 36 43.32 -20.96 6.03
N ILE A 37 43.06 -19.62 6.06
CA ILE A 37 44.05 -18.71 6.64
C ILE A 37 44.23 -19.04 8.12
N ALA A 38 43.14 -19.34 8.82
CA ALA A 38 43.26 -19.62 10.26
C ALA A 38 44.10 -20.88 10.45
N ARG A 39 44.01 -21.84 9.55
CA ARG A 39 44.89 -23.04 9.72
C ARG A 39 46.30 -22.71 9.33
N GLN A 40 46.57 -21.84 8.38
CA GLN A 40 47.89 -21.48 7.91
C GLN A 40 48.79 -20.82 8.92
N VAL A 41 48.19 -20.00 9.77
CA VAL A 41 48.96 -19.27 10.78
C VAL A 41 49.43 -20.19 11.91
N VAL A 42 49.02 -21.43 11.95
CA VAL A 42 49.49 -22.36 13.01
C VAL A 42 50.21 -23.54 12.35
N GLU A 43 50.56 -23.38 11.09
CA GLU A 43 51.32 -24.41 10.36
C GLU A 43 52.71 -24.51 10.95
N PRO A 44 53.41 -25.62 10.71
CA PRO A 44 54.75 -25.76 11.26
C PRO A 44 55.66 -24.62 10.90
N GLY A 45 56.40 -24.11 11.90
CA GLY A 45 57.32 -22.99 11.64
C GLY A 45 56.70 -21.62 11.75
N ALA A 46 55.38 -21.53 11.86
CA ALA A 46 54.69 -20.26 12.01
C ALA A 46 54.99 -19.63 13.36
N PRO A 47 55.14 -18.31 13.42
CA PRO A 47 55.40 -17.57 14.65
C PRO A 47 54.42 -17.82 15.76
N ALA A 48 53.14 -18.03 15.49
CA ALA A 48 52.14 -18.30 16.49
C ALA A 48 52.51 -19.54 17.32
N LEU A 49 53.17 -20.54 16.71
CA LEU A 49 53.50 -21.76 17.45
C LEU A 49 54.41 -21.49 18.64
N HIS A 50 55.41 -20.63 18.46
CA HIS A 50 56.30 -20.28 19.55
C HIS A 50 55.52 -19.68 20.72
N ALA A 51 54.62 -18.73 20.40
CA ALA A 51 53.83 -18.12 21.45
C ALA A 51 52.91 -19.12 22.15
N ILE A 52 52.35 -20.05 21.37
CA ILE A 52 51.44 -21.06 21.90
C ILE A 52 52.17 -22.00 22.87
N ALA A 53 53.38 -22.38 22.46
CA ALA A 53 54.19 -23.26 23.35
C ALA A 53 54.50 -22.50 24.62
N ASP A 54 54.79 -21.21 24.54
CA ASP A 54 55.10 -20.44 25.76
C ASP A 54 53.95 -20.32 26.74
N HIS A 55 52.75 -20.17 26.21
CA HIS A 55 51.55 -20.00 27.00
C HIS A 55 50.92 -21.26 27.51
N PHE A 56 50.78 -22.29 26.69
CA PHE A 56 50.12 -23.51 27.00
C PHE A 56 51.06 -24.67 27.37
N GLY A 57 52.35 -24.50 27.10
CA GLY A 57 53.24 -25.64 27.47
C GLY A 57 53.93 -26.15 26.24
N ALA A 58 55.22 -26.51 26.39
CA ALA A 58 56.02 -27.00 25.30
C ALA A 58 55.39 -28.17 24.57
N ASN A 59 54.68 -29.02 25.27
CA ASN A 59 54.05 -30.19 24.68
C ASN A 59 52.85 -29.92 23.80
N MET A 60 52.51 -28.65 23.60
CA MET A 60 51.46 -28.28 22.65
C MET A 60 52.01 -28.43 21.22
N ILE A 61 53.32 -28.39 21.07
CA ILE A 61 54.00 -28.55 19.82
C ILE A 61 54.76 -29.87 19.79
N ALA A 62 54.51 -30.73 18.82
CA ALA A 62 55.18 -32.02 18.72
C ALA A 62 56.64 -31.90 18.34
N ALA A 63 57.33 -33.04 18.46
CA ALA A 63 58.76 -33.10 18.13
C ALA A 63 59.05 -32.63 16.71
N ASP A 64 58.18 -32.96 15.75
CA ASP A 64 58.33 -32.59 14.36
C ASP A 64 57.88 -31.16 14.05
N GLY A 65 57.62 -30.34 15.04
CA GLY A 65 57.22 -28.96 14.89
C GLY A 65 55.77 -28.73 14.61
N THR A 66 54.97 -29.78 14.55
CA THR A 66 53.53 -29.62 14.30
C THR A 66 52.73 -29.33 15.53
N LEU A 67 51.75 -28.42 15.38
CA LEU A 67 50.85 -28.12 16.48
C LEU A 67 50.04 -29.38 16.77
N GLN A 68 49.89 -29.73 18.03
CA GLN A 68 49.09 -30.88 18.44
C GLN A 68 47.66 -30.33 18.57
N ARG A 69 47.02 -30.26 17.38
CA ARG A 69 45.69 -29.71 17.26
C ARG A 69 44.68 -30.22 18.23
N ARG A 70 44.54 -31.54 18.26
CA ARG A 70 43.60 -32.19 19.16
C ARG A 70 43.90 -31.78 20.60
N ALA A 71 45.17 -31.83 21.00
CA ALA A 71 45.56 -31.45 22.35
C ALA A 71 45.22 -30.01 22.68
N LEU A 72 45.35 -29.09 21.72
CA LEU A 72 45.01 -27.69 22.02
C LEU A 72 43.50 -27.54 22.16
N ARG A 73 42.77 -28.10 21.20
CA ARG A 73 41.31 -28.02 21.23
C ARG A 73 40.75 -28.51 22.56
N GLU A 74 41.26 -29.62 23.07
CA GLU A 74 40.84 -30.19 24.32
C GLU A 74 41.23 -29.33 25.51
N ARG A 75 42.31 -28.55 25.41
CA ARG A 75 42.70 -27.69 26.52
C ARG A 75 41.81 -26.45 26.54
N ILE A 76 41.67 -25.79 25.39
CA ILE A 76 40.86 -24.58 25.28
C ILE A 76 39.38 -24.82 25.57
N PHE A 77 38.88 -26.02 25.32
CA PHE A 77 37.48 -26.36 25.57
C PHE A 77 37.18 -26.47 27.05
N ALA A 78 38.20 -26.81 27.84
CA ALA A 78 38.07 -26.96 29.28
C ALA A 78 38.72 -25.78 30.01
N ASN A 79 38.85 -24.68 29.31
CA ASN A 79 39.44 -23.44 29.81
C ASN A 79 38.99 -22.30 28.89
N PRO A 80 37.70 -21.99 28.98
CA PRO A 80 37.03 -20.99 28.19
C PRO A 80 37.77 -19.71 27.88
N GLU A 81 38.39 -19.05 28.85
CA GLU A 81 39.10 -17.81 28.59
C GLU A 81 40.27 -18.00 27.63
N GLU A 82 40.83 -19.21 27.57
CA GLU A 82 41.94 -19.50 26.66
C GLU A 82 41.53 -19.26 25.21
N LYS A 83 40.29 -19.65 24.86
CA LYS A 83 39.80 -19.42 23.50
C LYS A 83 40.06 -17.94 23.14
N ASN A 84 39.67 -17.07 24.07
CA ASN A 84 39.85 -15.64 23.92
C ASN A 84 41.32 -15.28 23.88
N TRP A 85 42.17 -15.94 24.68
CA TRP A 85 43.60 -15.64 24.64
C TRP A 85 44.17 -16.03 23.26
N LEU A 86 43.74 -17.21 22.81
CA LEU A 86 44.22 -17.73 21.54
C LEU A 86 43.73 -16.86 20.39
N ASN A 87 42.44 -16.49 20.42
CA ASN A 87 41.93 -15.63 19.33
C ASN A 87 42.67 -14.31 19.28
N ALA A 88 42.98 -13.70 20.42
CA ALA A 88 43.72 -12.43 20.45
C ALA A 88 45.10 -12.53 19.85
N LEU A 89 45.80 -13.64 20.13
CA LEU A 89 47.10 -13.89 19.58
C LEU A 89 47.03 -14.05 18.05
N LEU A 90 46.06 -14.89 17.63
CA LEU A 90 45.91 -15.20 16.23
C LEU A 90 45.32 -14.10 15.35
N HIS A 91 44.50 -13.22 15.92
CA HIS A 91 43.88 -12.16 15.16
C HIS A 91 44.75 -11.33 14.28
N PRO A 92 45.81 -10.66 14.77
CA PRO A 92 46.67 -9.86 13.95
C PRO A 92 47.38 -10.66 12.89
N LEU A 93 47.74 -11.91 13.27
CA LEU A 93 48.42 -12.80 12.34
C LEU A 93 47.51 -13.19 11.17
N ILE A 94 46.25 -13.43 11.51
CA ILE A 94 45.27 -13.72 10.43
C ILE A 94 45.09 -12.52 9.54
N GLN A 95 45.01 -11.30 10.14
CA GLN A 95 44.85 -10.10 9.33
C GLN A 95 46.04 -9.99 8.39
N GLN A 96 47.27 -10.15 8.86
CA GLN A 96 48.46 -10.05 8.02
C GLN A 96 48.48 -11.13 6.93
N GLU A 97 48.19 -12.39 7.30
CA GLU A 97 48.24 -13.46 6.30
C GLU A 97 47.15 -13.25 5.26
N THR A 98 45.99 -12.78 5.71
CA THR A 98 44.93 -12.52 4.72
C THR A 98 45.34 -11.47 3.72
N GLN A 99 45.96 -10.38 4.21
CA GLN A 99 46.39 -9.32 3.28
C GLN A 99 47.49 -9.79 2.35
N HIS A 100 48.40 -10.62 2.92
CA HIS A 100 49.49 -11.13 2.11
C HIS A 100 48.95 -11.95 0.95
N GLN A 101 47.99 -12.81 1.24
CA GLN A 101 47.42 -13.66 0.19
C GLN A 101 46.62 -12.85 -0.83
N ILE A 102 45.99 -11.80 -0.32
CA ILE A 102 45.25 -10.90 -1.23
C ILE A 102 46.22 -10.25 -2.18
N GLN A 103 47.33 -9.75 -1.64
CA GLN A 103 48.40 -9.11 -2.34
C GLN A 103 49.05 -10.06 -3.37
N GLN A 104 49.14 -11.32 -3.01
CA GLN A 104 49.73 -12.33 -3.83
C GLN A 104 48.85 -12.87 -4.93
N ALA A 105 47.52 -12.64 -4.83
CA ALA A 105 46.63 -13.11 -5.88
C ALA A 105 46.71 -12.25 -7.13
N THR A 106 46.78 -12.86 -8.31
CA THR A 106 46.86 -12.15 -9.57
C THR A 106 45.58 -12.13 -10.36
N SER A 107 44.46 -12.65 -9.88
CA SER A 107 43.22 -12.59 -10.66
C SER A 107 42.71 -11.16 -10.64
N PRO A 108 41.84 -10.80 -11.58
CA PRO A 108 41.32 -9.44 -11.71
C PRO A 108 40.74 -8.86 -10.43
N TYR A 109 40.12 -9.73 -9.63
CA TYR A 109 39.61 -9.40 -8.30
C TYR A 109 39.79 -10.70 -7.50
N VAL A 110 39.62 -10.66 -6.19
CA VAL A 110 39.72 -11.88 -5.39
C VAL A 110 38.36 -12.11 -4.71
N LEU A 111 38.09 -13.39 -4.43
CA LEU A 111 36.89 -13.77 -3.70
C LEU A 111 37.31 -14.19 -2.29
N TRP A 112 36.96 -13.36 -1.33
CA TRP A 112 37.33 -13.64 0.07
C TRP A 112 36.13 -14.30 0.77
N VAL A 113 36.34 -15.58 1.09
CA VAL A 113 35.22 -16.38 1.67
C VAL A 113 35.30 -16.30 3.17
N VAL A 114 34.29 -15.64 3.75
CA VAL A 114 34.32 -15.38 5.20
C VAL A 114 33.05 -15.84 5.86
N PRO A 115 32.98 -17.02 6.42
CA PRO A 115 31.81 -17.47 7.14
C PRO A 115 31.31 -16.48 8.17
N LEU A 116 32.19 -15.84 8.96
CA LEU A 116 31.81 -14.91 9.99
C LEU A 116 31.81 -13.46 9.51
N LEU A 117 31.49 -13.22 8.24
CA LEU A 117 31.52 -11.81 7.76
C LEU A 117 30.62 -10.88 8.51
N VAL A 118 29.36 -11.27 8.75
CA VAL A 118 28.47 -10.36 9.49
C VAL A 118 28.80 -10.37 10.95
N GLU A 119 29.04 -11.55 11.51
CA GLU A 119 29.30 -11.66 12.94
C GLU A 119 30.46 -10.81 13.39
N ASN A 120 31.54 -10.80 12.58
CA ASN A 120 32.73 -10.07 12.96
C ASN A 120 32.86 -8.72 12.26
N SER A 121 31.84 -8.29 11.56
CA SER A 121 31.79 -7.02 10.87
C SER A 121 32.91 -6.84 9.85
N LEU A 122 33.25 -7.98 9.20
CA LEU A 122 34.35 -7.96 8.24
C LEU A 122 33.97 -7.39 6.88
N TYR A 123 32.70 -7.08 6.66
CA TYR A 123 32.27 -6.48 5.40
C TYR A 123 32.85 -5.08 5.28
N LYS A 124 33.35 -4.54 6.41
CA LYS A 124 33.96 -3.21 6.41
C LYS A 124 35.30 -3.25 5.63
N LYS A 125 35.86 -4.45 5.44
CA LYS A 125 37.07 -4.61 4.68
C LYS A 125 36.86 -5.14 3.27
N ALA A 126 35.64 -5.24 2.80
CA ALA A 126 35.33 -5.69 1.46
C ALA A 126 34.87 -4.52 0.56
N ASN A 127 35.19 -4.65 -0.73
CA ASN A 127 34.68 -3.60 -1.65
C ASN A 127 33.28 -3.98 -2.06
N ARG A 128 32.97 -5.27 -2.12
CA ARG A 128 31.66 -5.76 -2.54
C ARG A 128 31.29 -6.98 -1.69
N VAL A 129 30.03 -7.11 -1.29
CA VAL A 129 29.53 -8.19 -0.47
C VAL A 129 28.53 -9.07 -1.19
N LEU A 130 28.88 -10.35 -1.36
CA LEU A 130 27.99 -11.31 -2.01
C LEU A 130 27.49 -12.31 -0.98
N VAL A 131 26.19 -12.52 -0.94
CA VAL A 131 25.62 -13.46 0.03
C VAL A 131 24.95 -14.63 -0.72
N VAL A 132 25.35 -15.84 -0.37
CA VAL A 132 24.69 -17.01 -1.00
C VAL A 132 23.56 -17.30 -0.01
N ASP A 133 22.34 -17.27 -0.53
CA ASP A 133 21.15 -17.40 0.30
C ASP A 133 20.30 -18.59 -0.05
N VAL A 134 19.82 -19.24 1.01
CA VAL A 134 18.92 -20.38 0.87
C VAL A 134 17.89 -20.32 1.98
N SER A 135 16.81 -21.13 1.92
CA SER A 135 15.88 -21.11 3.07
C SER A 135 16.51 -21.83 4.26
N PRO A 136 16.05 -21.53 5.47
CA PRO A 136 16.54 -22.19 6.67
C PRO A 136 16.38 -23.71 6.56
N GLU A 137 15.26 -24.16 5.99
CA GLU A 137 15.02 -25.59 5.78
C GLU A 137 16.10 -26.23 4.93
N THR A 138 16.50 -25.53 3.85
CA THR A 138 17.59 -26.00 3.00
C THR A 138 18.86 -26.12 3.83
N GLN A 139 19.19 -25.10 4.64
CA GLN A 139 20.35 -25.16 5.50
C GLN A 139 20.34 -26.44 6.34
N LEU A 140 19.16 -26.73 6.91
CA LEU A 140 18.97 -27.89 7.75
C LEU A 140 19.15 -29.19 6.98
N LYS A 141 18.41 -29.36 5.90
CA LYS A 141 18.48 -30.60 5.13
C LYS A 141 19.86 -30.81 4.53
N ARG A 142 20.42 -29.74 3.94
CA ARG A 142 21.74 -29.88 3.30
C ARG A 142 22.85 -30.11 4.28
N THR A 143 22.86 -29.49 5.44
CA THR A 143 23.90 -29.64 6.45
C THR A 143 23.77 -31.03 7.10
N MET A 144 22.53 -31.43 7.36
CA MET A 144 22.30 -32.77 7.94
C MET A 144 22.92 -33.81 7.02
N GLN A 145 22.55 -33.81 5.74
CA GLN A 145 23.05 -34.76 4.78
C GLN A 145 24.58 -34.73 4.69
N ARG A 146 25.12 -33.55 4.36
CA ARG A 146 26.54 -33.35 4.19
C ARG A 146 27.40 -33.77 5.37
N ASP A 147 26.99 -33.40 6.57
CA ASP A 147 27.75 -33.70 7.78
C ASP A 147 27.21 -34.88 8.56
N ASP A 148 26.12 -35.49 8.11
CA ASP A 148 25.53 -36.60 8.84
C ASP A 148 25.36 -36.22 10.31
N VAL A 149 24.43 -35.28 10.56
CA VAL A 149 24.11 -34.79 11.89
C VAL A 149 22.59 -34.63 12.00
N THR A 150 22.08 -34.51 13.22
CA THR A 150 20.66 -34.37 13.43
C THR A 150 20.18 -32.95 13.05
N ARG A 151 18.87 -32.85 12.92
CA ARG A 151 18.19 -31.60 12.60
C ARG A 151 18.33 -30.60 13.73
N GLU A 152 18.18 -31.08 14.96
CA GLU A 152 18.30 -30.26 16.16
C GLU A 152 19.70 -29.72 16.32
N HIS A 153 20.71 -30.53 15.94
CA HIS A 153 22.09 -30.12 16.02
C HIS A 153 22.32 -28.90 15.11
N VAL A 154 21.80 -28.98 13.89
CA VAL A 154 21.94 -27.89 12.93
C VAL A 154 21.11 -26.68 13.32
N GLU A 155 19.96 -26.88 13.97
CA GLU A 155 19.10 -25.80 14.44
C GLU A 155 19.84 -24.97 15.49
N GLN A 156 20.74 -25.60 16.25
CA GLN A 156 21.53 -24.88 17.24
C GLN A 156 22.58 -24.00 16.55
N ILE A 157 23.19 -24.53 15.49
CA ILE A 157 24.17 -23.76 14.73
C ILE A 157 23.44 -22.57 14.11
N LEU A 158 22.25 -22.79 13.53
CA LEU A 158 21.50 -21.66 12.97
C LEU A 158 21.19 -20.61 14.01
N ALA A 159 20.80 -20.99 15.24
CA ALA A 159 20.49 -20.01 16.26
C ALA A 159 21.75 -19.34 16.79
N ALA A 160 22.94 -19.89 16.58
CA ALA A 160 24.17 -19.30 17.01
C ALA A 160 24.76 -18.31 15.98
N GLN A 161 24.46 -18.58 14.71
CA GLN A 161 24.98 -17.76 13.63
C GLN A 161 24.11 -16.51 13.42
N ALA A 162 24.69 -15.54 12.72
CA ALA A 162 23.86 -14.37 12.41
C ALA A 162 22.64 -14.85 11.64
N THR A 163 21.57 -14.06 11.63
CA THR A 163 20.41 -14.52 10.86
C THR A 163 20.50 -14.27 9.36
N ARG A 164 19.57 -14.93 8.66
CA ARG A 164 19.42 -14.77 7.23
C ARG A 164 19.24 -13.29 6.88
N GLU A 165 18.39 -12.63 7.67
CA GLU A 165 18.11 -11.20 7.37
C GLU A 165 19.27 -10.29 7.68
N ALA A 166 20.07 -10.68 8.70
CA ALA A 166 21.24 -9.87 9.03
C ALA A 166 22.23 -9.96 7.87
N ARG A 167 22.34 -11.11 7.24
CA ARG A 167 23.24 -11.23 6.07
C ARG A 167 22.70 -10.44 4.87
N LEU A 168 21.41 -10.56 4.58
CA LEU A 168 20.84 -9.82 3.44
C LEU A 168 20.94 -8.32 3.68
N ALA A 169 20.93 -7.84 4.91
CA ALA A 169 21.02 -6.40 5.19
C ALA A 169 22.34 -5.79 4.73
N VAL A 170 23.43 -6.55 4.76
CA VAL A 170 24.73 -6.08 4.35
C VAL A 170 25.11 -6.50 2.94
N ALA A 171 24.28 -7.28 2.25
CA ALA A 171 24.66 -7.74 0.92
C ALA A 171 24.55 -6.75 -0.18
N ASP A 172 25.51 -6.74 -1.11
CA ASP A 172 25.38 -5.90 -2.32
C ASP A 172 24.68 -6.74 -3.39
N ASP A 173 25.07 -8.00 -3.46
CA ASP A 173 24.52 -8.98 -4.38
C ASP A 173 24.10 -10.21 -3.59
N VAL A 174 23.08 -10.92 -4.06
CA VAL A 174 22.59 -12.15 -3.45
C VAL A 174 22.46 -13.23 -4.51
N ILE A 175 23.03 -14.41 -4.28
CA ILE A 175 22.90 -15.54 -5.20
C ILE A 175 22.02 -16.58 -4.49
N ASP A 176 20.94 -16.97 -5.15
CA ASP A 176 19.98 -17.92 -4.54
C ASP A 176 20.37 -19.34 -4.85
N ASN A 177 20.56 -20.15 -3.80
CA ASN A 177 20.96 -21.53 -4.01
C ASN A 177 19.90 -22.49 -3.52
N ASN A 178 18.65 -22.08 -3.24
CA ASN A 178 17.76 -23.16 -2.73
C ASN A 178 16.94 -23.81 -3.83
N GLY A 179 17.39 -23.63 -5.07
CA GLY A 179 16.82 -24.21 -6.26
C GLY A 179 17.84 -25.21 -6.84
N ALA A 180 17.94 -25.24 -8.16
CA ALA A 180 18.84 -26.14 -8.86
C ALA A 180 20.31 -25.79 -8.75
N PRO A 181 21.13 -26.79 -8.44
CA PRO A 181 22.57 -26.64 -8.32
C PRO A 181 23.21 -26.05 -9.57
N ASP A 182 22.64 -26.36 -10.73
CA ASP A 182 23.15 -25.85 -11.97
C ASP A 182 22.59 -24.50 -12.36
N ALA A 183 21.99 -23.67 -11.51
CA ALA A 183 21.58 -22.34 -11.98
C ALA A 183 22.68 -21.40 -11.44
N ILE A 184 23.56 -22.08 -10.69
CA ILE A 184 24.70 -21.47 -10.05
C ILE A 184 25.67 -20.93 -11.08
N ALA A 185 25.95 -21.72 -12.13
CA ALA A 185 26.91 -21.30 -13.13
C ALA A 185 26.50 -20.01 -13.81
N SER A 186 25.26 -19.89 -14.25
CA SER A 186 24.75 -18.73 -14.93
C SER A 186 24.72 -17.49 -14.00
N ASP A 187 24.28 -17.69 -12.76
CA ASP A 187 24.25 -16.53 -11.84
C ASP A 187 25.70 -16.07 -11.55
N VAL A 188 26.58 -17.02 -11.32
CA VAL A 188 28.00 -16.64 -11.04
C VAL A 188 28.60 -15.95 -12.24
N ALA A 189 28.34 -16.41 -13.46
CA ALA A 189 28.89 -15.74 -14.65
C ALA A 189 28.45 -14.28 -14.76
N ARG A 190 27.16 -14.04 -14.45
CA ARG A 190 26.63 -12.68 -14.48
C ARG A 190 27.35 -11.76 -13.48
N LEU A 191 27.52 -12.34 -12.28
CA LEU A 191 28.19 -11.55 -11.20
C LEU A 191 29.63 -11.34 -11.56
N HIS A 192 30.29 -12.43 -12.03
CA HIS A 192 31.68 -12.28 -12.46
C HIS A 192 31.85 -11.17 -13.49
N ALA A 193 30.94 -11.06 -14.46
CA ALA A 193 31.04 -10.06 -15.52
C ALA A 193 31.00 -8.67 -14.86
N HIS A 194 30.09 -8.48 -13.91
CA HIS A 194 30.05 -7.17 -13.22
C HIS A 194 31.30 -6.89 -12.41
N TYR A 195 31.76 -7.93 -11.70
CA TYR A 195 32.96 -7.81 -10.88
C TYR A 195 34.17 -7.44 -11.76
N LEU A 196 34.28 -7.96 -12.97
CA LEU A 196 35.41 -7.56 -13.84
C LEU A 196 35.35 -6.06 -14.10
N GLN A 197 34.14 -5.56 -14.34
CA GLN A 197 33.99 -4.11 -14.61
C GLN A 197 34.36 -3.27 -13.40
N LEU A 198 33.82 -3.67 -12.24
CA LEU A 198 34.09 -2.93 -11.00
C LEU A 198 35.57 -2.89 -10.73
N ALA A 199 36.21 -4.09 -10.82
CA ALA A 199 37.64 -4.17 -10.56
C ALA A 199 38.49 -3.39 -11.51
N SER A 200 38.05 -3.29 -12.80
CA SER A 200 38.82 -2.57 -13.77
C SER A 200 38.69 -1.05 -13.61
N GLN A 201 37.63 -0.59 -12.93
CA GLN A 201 37.53 0.88 -12.82
C GLN A 201 37.59 1.42 -11.41
N PHE A 202 37.62 0.54 -10.38
CA PHE A 202 37.54 1.09 -9.01
C PHE A 202 38.58 2.07 -8.63
N VAL A 203 39.84 1.90 -9.09
CA VAL A 203 40.90 2.79 -8.64
C VAL A 203 40.72 4.21 -9.12
N SER A 204 40.26 4.35 -10.35
CA SER A 204 40.09 5.73 -10.88
C SER A 204 38.69 6.24 -10.80
N GLN A 205 37.69 5.42 -10.49
CA GLN A 205 36.31 5.82 -10.39
C GLN A 205 36.16 7.10 -9.57
N GLU A 206 35.85 8.18 -10.28
CA GLU A 206 35.73 9.49 -9.64
C GLU A 206 34.60 9.57 -8.65
N LYS A 207 33.37 9.23 -9.05
CA LYS A 207 32.26 9.30 -8.09
C LYS A 207 31.86 7.88 -7.72
N PRO A 208 31.06 7.74 -6.69
CA PRO A 208 30.58 6.44 -6.26
C PRO A 208 29.73 5.76 -7.35
N GLU A 209 29.62 4.44 -7.26
CA GLU A 209 28.79 3.66 -8.16
C GLU A 209 28.05 4.46 -9.21
N SER B 2 -3.78 -3.10 0.05
CA SER B 2 -4.74 -3.25 -1.04
C SER B 2 -5.79 -4.30 -0.70
N LEU B 3 -5.47 -5.59 -0.74
CA LEU B 3 -6.53 -6.55 -0.34
C LEU B 3 -6.53 -6.62 1.19
N ARG B 4 -7.65 -6.24 1.80
CA ARG B 4 -7.83 -6.22 3.23
C ARG B 4 -8.95 -7.22 3.63
N TYR B 5 -8.80 -7.82 4.79
CA TYR B 5 -9.80 -8.82 5.23
C TYR B 5 -11.00 -8.08 5.78
N ILE B 6 -12.21 -8.54 5.40
CA ILE B 6 -13.43 -7.83 5.81
C ILE B 6 -14.26 -8.62 6.80
N VAL B 7 -14.38 -8.12 8.01
CA VAL B 7 -15.24 -8.76 9.02
C VAL B 7 -16.53 -7.90 9.11
N ALA B 8 -17.66 -8.47 8.72
CA ALA B 8 -18.91 -7.71 8.87
C ALA B 8 -19.48 -7.86 10.26
N LEU B 9 -19.98 -6.73 10.79
CA LEU B 9 -20.63 -6.71 12.07
C LEU B 9 -22.13 -6.34 11.86
N THR B 10 -22.97 -7.19 12.39
CA THR B 10 -24.42 -6.91 12.27
C THR B 10 -25.10 -7.22 13.57
N GLY B 11 -26.32 -6.68 13.73
CA GLY B 11 -27.16 -6.88 14.90
C GLY B 11 -28.51 -6.19 14.61
N GLY B 12 -29.48 -6.54 15.46
CA GLY B 12 -30.80 -5.89 15.30
C GLY B 12 -30.85 -4.62 16.15
N ILE B 13 -32.03 -4.01 16.17
CA ILE B 13 -32.25 -2.80 16.97
C ILE B 13 -32.07 -3.07 18.43
N GLY B 14 -31.31 -2.18 19.12
CA GLY B 14 -31.05 -2.37 20.54
C GLY B 14 -29.98 -3.38 20.85
N SER B 15 -29.20 -3.77 19.81
CA SER B 15 -28.18 -4.77 20.13
C SER B 15 -26.89 -4.11 20.64
N GLY B 16 -26.74 -2.82 20.40
CA GLY B 16 -25.56 -2.10 20.84
C GLY B 16 -24.38 -2.36 19.93
N LYS B 17 -24.63 -2.42 18.63
CA LYS B 17 -23.60 -2.59 17.63
C LYS B 17 -22.46 -1.58 17.83
N SER B 18 -22.85 -0.31 18.08
CA SER B 18 -21.87 0.78 18.25
C SER B 18 -20.89 0.50 19.37
N THR B 19 -21.32 -0.11 20.45
CA THR B 19 -20.44 -0.44 21.56
C THR B 19 -19.34 -1.37 21.09
N VAL B 20 -19.79 -2.40 20.36
CA VAL B 20 -18.86 -3.42 19.82
C VAL B 20 -17.96 -2.77 18.79
N ALA B 21 -18.44 -2.00 17.84
CA ALA B 21 -17.62 -1.34 16.82
C ALA B 21 -16.56 -0.43 17.47
N ASN B 22 -16.97 0.26 18.55
CA ASN B 22 -16.01 1.11 19.26
C ASN B 22 -14.89 0.33 19.92
N ALA B 23 -15.14 -0.85 20.46
CA ALA B 23 -14.12 -1.67 21.06
C ALA B 23 -13.09 -2.07 20.03
N PHE B 24 -13.58 -2.41 18.83
CA PHE B 24 -12.64 -2.79 17.77
C PHE B 24 -11.80 -1.58 17.38
N ALA B 25 -12.39 -0.40 17.27
CA ALA B 25 -11.70 0.82 16.90
C ALA B 25 -10.63 1.12 17.95
N ASP B 26 -10.95 0.88 19.21
CA ASP B 26 -9.95 1.12 20.28
C ASP B 26 -8.75 0.23 20.08
N LEU B 27 -8.92 -0.96 19.49
CA LEU B 27 -7.84 -1.88 19.24
C LEU B 27 -7.11 -1.57 17.95
N GLY B 28 -7.36 -0.44 17.32
CA GLY B 28 -6.70 0.02 16.13
C GLY B 28 -7.26 -0.49 14.81
N ILE B 29 -8.52 -0.90 14.86
CA ILE B 29 -9.12 -1.41 13.60
C ILE B 29 -9.96 -0.34 12.91
N ASN B 30 -9.83 -0.21 11.62
CA ASN B 30 -10.63 0.74 10.84
C ASN B 30 -12.08 0.23 10.77
N VAL B 31 -12.99 1.07 11.25
CA VAL B 31 -14.43 0.68 11.24
C VAL B 31 -15.02 1.41 10.02
N ILE B 32 -15.75 0.73 9.19
CA ILE B 32 -16.39 1.26 7.95
C ILE B 32 -17.86 0.96 8.16
N ASP B 33 -18.58 2.04 8.49
CA ASP B 33 -20.00 1.94 8.88
C ASP B 33 -20.91 2.26 7.73
N ALA B 34 -21.78 1.35 7.33
CA ALA B 34 -22.66 1.55 6.22
C ALA B 34 -23.56 2.80 6.38
N ASP B 35 -23.92 3.13 7.59
CA ASP B 35 -24.82 4.34 7.73
C ASP B 35 -24.04 5.61 7.53
N ILE B 36 -22.78 5.62 7.92
CA ILE B 36 -21.89 6.77 7.72
C ILE B 36 -21.59 6.94 6.25
N ILE B 37 -21.31 5.84 5.54
CA ILE B 37 -21.06 5.85 4.12
C ILE B 37 -22.25 6.41 3.38
N ALA B 38 -23.45 6.00 3.78
CA ALA B 38 -24.67 6.50 3.13
C ALA B 38 -24.78 8.02 3.26
N ARG B 39 -24.34 8.55 4.39
CA ARG B 39 -24.42 10.02 4.56
C ARG B 39 -23.30 10.71 3.77
N GLN B 40 -22.13 10.04 3.65
CA GLN B 40 -21.04 10.65 2.92
C GLN B 40 -21.30 10.85 1.45
N VAL B 41 -22.05 9.95 0.82
CA VAL B 41 -22.34 10.02 -0.60
C VAL B 41 -23.31 11.14 -0.97
N VAL B 42 -23.95 11.69 0.06
CA VAL B 42 -24.86 12.82 -0.18
C VAL B 42 -24.38 14.10 0.42
N GLU B 43 -23.12 14.19 0.85
CA GLU B 43 -22.57 15.40 1.40
C GLU B 43 -22.48 16.49 0.34
N PRO B 44 -22.39 17.74 0.76
CA PRO B 44 -22.25 18.85 -0.22
C PRO B 44 -21.06 18.57 -1.13
N GLY B 45 -21.23 18.84 -2.42
CA GLY B 45 -20.20 18.64 -3.42
C GLY B 45 -20.35 17.29 -4.13
N ALA B 46 -21.09 16.38 -3.51
CA ALA B 46 -21.35 15.07 -4.04
C ALA B 46 -22.36 15.15 -5.18
N PRO B 47 -22.03 14.45 -6.27
CA PRO B 47 -22.85 14.38 -7.45
C PRO B 47 -24.31 14.04 -7.11
N ALA B 48 -24.45 13.01 -6.28
CA ALA B 48 -25.71 12.49 -5.80
C ALA B 48 -26.60 13.56 -5.18
N LEU B 49 -26.03 14.46 -4.42
CA LEU B 49 -26.74 15.53 -3.75
C LEU B 49 -27.43 16.45 -4.76
N HIS B 50 -26.66 16.90 -5.74
CA HIS B 50 -27.23 17.71 -6.82
C HIS B 50 -28.27 16.92 -7.61
N ALA B 51 -28.07 15.64 -7.81
CA ALA B 51 -29.01 14.80 -8.52
C ALA B 51 -30.33 14.66 -7.77
N ILE B 52 -30.22 14.61 -6.43
CA ILE B 52 -31.45 14.52 -5.62
C ILE B 52 -32.21 15.82 -5.77
N ALA B 53 -31.50 16.97 -5.75
CA ALA B 53 -32.22 18.25 -5.86
C ALA B 53 -32.86 18.39 -7.23
N ASP B 54 -32.16 17.94 -8.27
CA ASP B 54 -32.71 18.01 -9.61
C ASP B 54 -33.94 17.13 -9.77
N HIS B 55 -33.98 15.97 -9.14
CA HIS B 55 -35.08 15.05 -9.26
C HIS B 55 -36.31 15.44 -8.42
N PHE B 56 -36.05 15.65 -7.16
CA PHE B 56 -37.10 15.97 -6.17
C PHE B 56 -37.34 17.42 -5.95
N GLY B 57 -36.41 18.32 -6.16
CA GLY B 57 -36.70 19.72 -5.95
C GLY B 57 -35.63 20.43 -5.16
N ALA B 58 -35.53 21.75 -5.37
CA ALA B 58 -34.53 22.54 -4.68
C ALA B 58 -34.68 22.55 -3.18
N ASN B 59 -35.88 22.20 -2.66
CA ASN B 59 -36.14 22.19 -1.25
C ASN B 59 -35.53 20.96 -0.59
N MET B 60 -34.87 20.13 -1.39
CA MET B 60 -34.17 18.96 -0.79
C MET B 60 -32.85 19.46 -0.19
N ILE B 61 -32.36 20.62 -0.57
CA ILE B 61 -31.13 21.19 -0.11
C ILE B 61 -31.36 22.42 0.76
N ALA B 62 -30.75 22.42 1.93
CA ALA B 62 -30.86 23.56 2.86
C ALA B 62 -29.98 24.71 2.38
N ALA B 63 -30.06 25.85 3.08
CA ALA B 63 -29.28 27.03 2.75
C ALA B 63 -27.78 26.76 2.93
N ASP B 64 -27.43 25.88 3.86
CA ASP B 64 -25.99 25.58 4.07
C ASP B 64 -25.49 24.56 3.07
N GLY B 65 -26.32 24.12 2.12
CA GLY B 65 -25.88 23.17 1.11
C GLY B 65 -26.03 21.71 1.51
N THR B 66 -26.60 21.42 2.66
CA THR B 66 -26.80 20.07 3.12
C THR B 66 -28.16 19.50 2.73
N LEU B 67 -28.23 18.17 2.77
CA LEU B 67 -29.44 17.46 2.46
C LEU B 67 -30.51 17.60 3.54
N GLN B 68 -31.73 17.90 3.09
CA GLN B 68 -32.85 18.00 4.03
C GLN B 68 -33.44 16.59 4.16
N ARG B 69 -32.92 15.78 5.07
CA ARG B 69 -33.29 14.41 5.26
C ARG B 69 -34.75 14.10 5.43
N ARG B 70 -35.49 14.79 6.29
CA ARG B 70 -36.92 14.48 6.42
C ARG B 70 -37.67 14.83 5.13
N ALA B 71 -37.28 15.92 4.45
CA ALA B 71 -37.97 16.26 3.19
C ALA B 71 -37.80 15.14 2.17
N LEU B 72 -36.59 14.63 2.01
CA LEU B 72 -36.36 13.50 1.08
C LEU B 72 -37.15 12.28 1.52
N ARG B 73 -37.13 11.93 2.80
CA ARG B 73 -37.85 10.78 3.34
C ARG B 73 -39.33 10.89 3.01
N GLU B 74 -39.90 12.08 3.21
CA GLU B 74 -41.31 12.30 2.91
C GLU B 74 -41.67 11.99 1.46
N ARG B 75 -40.77 12.25 0.54
CA ARG B 75 -41.02 12.02 -0.88
C ARG B 75 -40.87 10.55 -1.27
N ILE B 76 -40.20 9.74 -0.47
CA ILE B 76 -40.11 8.31 -0.87
C ILE B 76 -40.94 7.43 0.03
N PHE B 77 -41.43 7.92 1.18
CA PHE B 77 -42.19 7.10 2.11
C PHE B 77 -43.37 6.38 1.48
N ALA B 78 -44.20 7.13 0.76
CA ALA B 78 -45.40 6.53 0.17
C ALA B 78 -45.28 6.35 -1.32
N ASN B 79 -44.08 6.62 -1.85
CA ASN B 79 -43.88 6.47 -3.29
C ASN B 79 -42.80 5.46 -3.63
N PRO B 80 -43.19 4.24 -3.96
CA PRO B 80 -42.27 3.16 -4.30
C PRO B 80 -41.37 3.49 -5.47
N GLU B 81 -41.96 4.10 -6.51
CA GLU B 81 -41.25 4.49 -7.70
C GLU B 81 -40.12 5.45 -7.33
N GLU B 82 -40.42 6.41 -6.47
CA GLU B 82 -39.36 7.35 -6.06
C GLU B 82 -38.34 6.68 -5.18
N LYS B 83 -38.77 5.72 -4.37
CA LYS B 83 -37.88 4.97 -3.51
C LYS B 83 -36.89 4.20 -4.38
N ASN B 84 -37.38 3.53 -5.42
CA ASN B 84 -36.54 2.79 -6.35
C ASN B 84 -35.56 3.69 -7.08
N TRP B 85 -36.01 4.88 -7.49
CA TRP B 85 -35.14 5.83 -8.17
C TRP B 85 -33.95 6.20 -7.26
N LEU B 86 -34.28 6.53 -6.01
CA LEU B 86 -33.19 6.89 -5.08
C LEU B 86 -32.18 5.77 -4.89
N ASN B 87 -32.64 4.55 -4.60
CA ASN B 87 -31.76 3.41 -4.39
C ASN B 87 -30.87 3.17 -5.60
N ALA B 88 -31.44 3.30 -6.80
CA ALA B 88 -30.72 3.13 -8.05
C ALA B 88 -29.60 4.15 -8.10
N LEU B 89 -29.89 5.38 -7.62
CA LEU B 89 -28.85 6.40 -7.62
C LEU B 89 -27.77 6.09 -6.57
N LEU B 90 -28.21 5.84 -5.35
CA LEU B 90 -27.28 5.61 -4.25
C LEU B 90 -26.63 4.25 -4.16
N HIS B 91 -27.29 3.17 -4.61
CA HIS B 91 -26.64 1.85 -4.46
C HIS B 91 -25.24 1.74 -5.00
N PRO B 92 -24.99 2.06 -6.27
CA PRO B 92 -23.67 1.98 -6.86
C PRO B 92 -22.66 2.89 -6.21
N LEU B 93 -23.08 4.09 -5.77
CA LEU B 93 -22.16 5.02 -5.12
C LEU B 93 -21.72 4.49 -3.77
N ILE B 94 -22.67 3.93 -3.03
CA ILE B 94 -22.39 3.37 -1.69
C ILE B 94 -21.44 2.19 -1.90
N GLN B 95 -21.71 1.34 -2.87
CA GLN B 95 -20.80 0.22 -3.17
C GLN B 95 -19.38 0.75 -3.38
N GLN B 96 -19.24 1.72 -4.26
CA GLN B 96 -17.95 2.31 -4.57
C GLN B 96 -17.27 2.98 -3.41
N GLU B 97 -17.99 3.77 -2.59
CA GLU B 97 -17.35 4.47 -1.49
C GLU B 97 -16.95 3.49 -0.39
N THR B 98 -17.75 2.44 -0.22
CA THR B 98 -17.39 1.43 0.78
C THR B 98 -16.08 0.76 0.32
N GLN B 99 -16.07 0.27 -0.91
CA GLN B 99 -14.81 -0.37 -1.39
C GLN B 99 -13.66 0.60 -1.27
N HIS B 100 -13.82 1.88 -1.63
CA HIS B 100 -12.77 2.88 -1.53
C HIS B 100 -12.17 2.97 -0.14
N GLN B 101 -13.02 3.08 0.88
CA GLN B 101 -12.60 3.20 2.27
C GLN B 101 -11.96 1.90 2.75
N ILE B 102 -12.47 0.77 2.25
CA ILE B 102 -11.80 -0.50 2.69
C ILE B 102 -10.39 -0.54 2.14
N GLN B 103 -10.20 -0.13 0.91
CA GLN B 103 -8.91 -0.08 0.24
C GLN B 103 -7.92 0.82 0.92
N GLN B 104 -8.39 1.93 1.44
CA GLN B 104 -7.53 2.88 2.11
C GLN B 104 -7.33 2.65 3.58
N ALA B 105 -8.05 1.69 4.19
CA ALA B 105 -7.87 1.46 5.61
C ALA B 105 -6.45 0.93 5.83
N THR B 106 -5.91 1.06 7.04
CA THR B 106 -4.56 0.53 7.26
C THR B 106 -4.56 -0.71 8.13
N SER B 107 -5.63 -1.04 8.83
CA SER B 107 -5.65 -2.23 9.67
C SER B 107 -5.69 -3.48 8.83
N PRO B 108 -5.16 -4.61 9.32
CA PRO B 108 -5.05 -5.84 8.51
C PRO B 108 -6.44 -6.38 8.13
N TYR B 109 -7.37 -6.16 9.04
CA TYR B 109 -8.78 -6.47 8.71
C TYR B 109 -9.54 -5.19 9.07
N VAL B 110 -10.73 -5.06 8.48
CA VAL B 110 -11.58 -3.90 8.77
C VAL B 110 -12.89 -4.42 9.39
N LEU B 111 -13.55 -3.61 10.17
CA LEU B 111 -14.82 -4.03 10.74
C LEU B 111 -15.90 -3.29 9.92
N TRP B 112 -16.65 -3.99 9.10
CA TRP B 112 -17.66 -3.29 8.25
C TRP B 112 -19.01 -3.44 8.91
N VAL B 113 -19.55 -2.33 9.46
CA VAL B 113 -20.80 -2.35 10.22
C VAL B 113 -22.00 -2.16 9.32
N VAL B 114 -22.81 -3.22 9.25
CA VAL B 114 -23.94 -3.23 8.34
C VAL B 114 -25.21 -3.69 9.05
N PRO B 115 -26.08 -2.75 9.42
CA PRO B 115 -27.33 -3.11 10.08
C PRO B 115 -28.20 -4.04 9.26
N LEU B 116 -28.21 -3.97 7.94
CA LEU B 116 -29.09 -4.85 7.12
C LEU B 116 -28.33 -5.95 6.43
N LEU B 117 -27.26 -6.41 7.11
CA LEU B 117 -26.46 -7.47 6.47
C LEU B 117 -27.26 -8.70 6.08
N VAL B 118 -28.14 -9.20 6.99
CA VAL B 118 -28.93 -10.38 6.69
C VAL B 118 -30.02 -10.11 5.67
N GLU B 119 -30.75 -9.00 5.94
CA GLU B 119 -31.84 -8.59 5.07
C GLU B 119 -31.46 -8.32 3.63
N ASN B 120 -30.30 -7.77 3.32
CA ASN B 120 -29.85 -7.43 1.98
C ASN B 120 -28.75 -8.41 1.47
N SER B 121 -28.59 -9.50 2.19
CA SER B 121 -27.63 -10.56 1.95
C SER B 121 -26.25 -10.01 1.67
N LEU B 122 -25.81 -9.00 2.41
CA LEU B 122 -24.52 -8.36 2.21
C LEU B 122 -23.39 -9.19 2.78
N TYR B 123 -23.72 -10.28 3.47
CA TYR B 123 -22.69 -11.17 4.02
C TYR B 123 -21.91 -11.80 2.88
N LYS B 124 -22.46 -11.79 1.66
CA LYS B 124 -21.79 -12.32 0.49
C LYS B 124 -20.53 -11.53 0.13
N LYS B 125 -20.41 -10.32 0.66
CA LYS B 125 -19.32 -9.44 0.43
C LYS B 125 -18.38 -9.30 1.62
N ALA B 126 -18.54 -10.21 2.59
CA ALA B 126 -17.67 -10.19 3.75
C ALA B 126 -16.85 -11.48 3.82
N ASN B 127 -15.62 -11.41 4.34
CA ASN B 127 -14.88 -12.69 4.52
C ASN B 127 -15.29 -13.42 5.76
N ARG B 128 -15.85 -12.66 6.75
CA ARG B 128 -16.28 -13.28 8.01
C ARG B 128 -17.43 -12.46 8.59
N VAL B 129 -18.38 -13.10 9.23
CA VAL B 129 -19.51 -12.37 9.83
C VAL B 129 -19.55 -12.50 11.34
N LEU B 130 -19.66 -11.35 12.01
CA LEU B 130 -19.78 -11.28 13.44
C LEU B 130 -21.15 -10.72 13.83
N VAL B 131 -21.94 -11.51 14.54
CA VAL B 131 -23.25 -10.93 14.95
C VAL B 131 -23.23 -10.56 16.42
N VAL B 132 -23.72 -9.37 16.72
CA VAL B 132 -23.89 -8.91 18.12
C VAL B 132 -25.29 -9.41 18.53
N ASP B 133 -25.31 -10.40 19.39
CA ASP B 133 -26.55 -11.07 19.79
C ASP B 133 -27.07 -10.63 21.11
N VAL B 134 -28.40 -10.41 21.17
CA VAL B 134 -29.03 -10.01 22.44
C VAL B 134 -30.41 -10.71 22.47
N SER B 135 -31.06 -10.74 23.62
CA SER B 135 -32.43 -11.37 23.58
C SER B 135 -33.40 -10.36 23.02
N PRO B 136 -34.57 -10.78 22.54
CA PRO B 136 -35.58 -9.80 22.10
C PRO B 136 -35.94 -8.89 23.28
N GLU B 137 -35.99 -9.39 24.50
CA GLU B 137 -36.26 -8.65 25.71
C GLU B 137 -35.29 -7.47 25.82
N THR B 138 -34.00 -7.70 25.63
CA THR B 138 -33.02 -6.60 25.64
C THR B 138 -33.28 -5.60 24.55
N GLN B 139 -33.68 -6.02 23.31
CA GLN B 139 -33.97 -5.13 22.23
C GLN B 139 -35.16 -4.19 22.61
N LEU B 140 -36.15 -4.81 23.19
CA LEU B 140 -37.36 -4.09 23.63
C LEU B 140 -37.01 -3.13 24.77
N LYS B 141 -36.41 -3.63 25.83
CA LYS B 141 -36.06 -2.77 26.98
C LYS B 141 -35.23 -1.58 26.54
N ARG B 142 -34.09 -1.79 25.89
CA ARG B 142 -33.24 -0.71 25.43
C ARG B 142 -33.88 0.30 24.52
N THR B 143 -34.73 -0.18 23.61
CA THR B 143 -35.39 0.71 22.66
C THR B 143 -36.48 1.54 23.33
N MET B 144 -37.20 0.93 24.25
CA MET B 144 -38.27 1.64 24.98
C MET B 144 -37.65 2.76 25.81
N GLN B 145 -36.58 2.39 26.53
CA GLN B 145 -35.88 3.31 27.38
C GLN B 145 -35.40 4.57 26.69
N ARG B 146 -34.76 4.50 25.53
CA ARG B 146 -34.23 5.69 24.90
C ARG B 146 -35.16 6.46 24.00
N ASP B 147 -36.18 5.85 23.43
CA ASP B 147 -37.07 6.59 22.53
C ASP B 147 -38.41 6.89 23.23
N ASP B 148 -38.59 6.32 24.41
CA ASP B 148 -39.79 6.41 25.19
C ASP B 148 -41.01 5.97 24.37
N VAL B 149 -40.84 4.81 23.77
CA VAL B 149 -41.86 4.18 22.93
C VAL B 149 -42.43 2.97 23.65
N THR B 150 -43.62 2.55 23.22
CA THR B 150 -44.26 1.42 23.88
C THR B 150 -43.60 0.11 23.43
N ARG B 151 -43.87 -0.92 24.23
CA ARG B 151 -43.32 -2.26 23.96
C ARG B 151 -43.82 -2.75 22.61
N GLU B 152 -45.12 -2.51 22.37
CA GLU B 152 -45.72 -2.91 21.09
C GLU B 152 -45.10 -2.21 19.91
N HIS B 153 -44.69 -0.94 20.07
CA HIS B 153 -44.06 -0.21 18.99
C HIS B 153 -42.70 -0.88 18.66
N VAL B 154 -41.97 -1.29 19.68
CA VAL B 154 -40.68 -1.94 19.32
C VAL B 154 -40.91 -3.31 18.71
N GLU B 155 -41.93 -4.00 19.18
CA GLU B 155 -42.29 -5.33 18.69
C GLU B 155 -42.54 -5.28 17.20
N GLN B 156 -43.15 -4.18 16.72
CA GLN B 156 -43.41 -4.00 15.30
C GLN B 156 -42.09 -3.93 14.52
N ILE B 157 -41.12 -3.24 15.11
CA ILE B 157 -39.80 -3.10 14.52
C ILE B 157 -39.09 -4.46 14.44
N LEU B 158 -39.20 -5.26 15.47
CA LEU B 158 -38.60 -6.58 15.56
C LEU B 158 -39.18 -7.51 14.49
N ALA B 159 -40.47 -7.34 14.25
CA ALA B 159 -41.18 -8.11 13.25
C ALA B 159 -40.72 -7.79 11.85
N ALA B 160 -40.31 -6.54 11.57
CA ALA B 160 -39.88 -6.14 10.25
C ALA B 160 -38.41 -6.45 9.98
N GLN B 161 -37.61 -6.58 11.05
CA GLN B 161 -36.18 -6.90 10.80
C GLN B 161 -35.99 -8.40 10.66
N ALA B 162 -34.81 -8.83 10.23
CA ALA B 162 -34.56 -10.28 10.19
C ALA B 162 -34.64 -10.82 11.63
N THR B 163 -35.01 -12.08 11.74
CA THR B 163 -35.11 -12.69 13.06
C THR B 163 -33.72 -12.93 13.70
N ARG B 164 -33.78 -13.10 15.02
CA ARG B 164 -32.51 -13.39 15.74
C ARG B 164 -31.86 -14.62 15.14
N GLU B 165 -32.66 -15.67 14.93
CA GLU B 165 -32.19 -16.94 14.38
C GLU B 165 -31.66 -16.84 12.98
N ALA B 166 -32.25 -15.95 12.15
CA ALA B 166 -31.77 -15.74 10.81
C ALA B 166 -30.34 -15.14 10.85
N ARG B 167 -30.12 -14.28 11.82
CA ARG B 167 -28.77 -13.71 11.94
C ARG B 167 -27.81 -14.77 12.46
N LEU B 168 -28.26 -15.56 13.42
CA LEU B 168 -27.30 -16.56 13.93
C LEU B 168 -26.97 -17.59 12.89
N ALA B 169 -27.87 -17.82 11.94
CA ALA B 169 -27.67 -18.81 10.89
C ALA B 169 -26.52 -18.44 9.97
N VAL B 170 -26.23 -17.17 9.76
CA VAL B 170 -25.13 -16.75 8.90
C VAL B 170 -23.92 -16.27 9.69
N ALA B 171 -23.98 -16.24 11.00
CA ALA B 171 -22.83 -15.78 11.76
C ALA B 171 -21.67 -16.78 11.79
N ASP B 172 -20.45 -16.23 11.69
CA ASP B 172 -19.29 -17.12 11.90
C ASP B 172 -18.95 -17.04 13.39
N ASP B 173 -19.07 -15.87 13.95
CA ASP B 173 -18.79 -15.61 15.36
C ASP B 173 -20.01 -14.88 15.95
N VAL B 174 -20.21 -15.08 17.23
CA VAL B 174 -21.33 -14.42 17.92
C VAL B 174 -20.81 -13.78 19.20
N ILE B 175 -21.10 -12.52 19.41
CA ILE B 175 -20.73 -11.86 20.67
C ILE B 175 -22.01 -11.43 21.39
N ASP B 176 -22.10 -11.85 22.66
CA ASP B 176 -23.26 -11.48 23.48
C ASP B 176 -23.15 -10.05 23.97
N ASN B 177 -24.24 -9.30 23.90
CA ASN B 177 -24.22 -7.92 24.38
C ASN B 177 -25.47 -7.65 25.24
N ASN B 178 -25.89 -8.64 26.01
CA ASN B 178 -27.09 -8.41 26.88
C ASN B 178 -26.71 -7.67 28.17
N GLY B 179 -25.41 -7.61 28.50
CA GLY B 179 -25.10 -6.92 29.78
C GLY B 179 -24.53 -5.54 29.71
N ALA B 180 -23.51 -5.28 30.58
CA ALA B 180 -22.87 -3.98 30.64
C ALA B 180 -21.95 -3.77 29.46
N PRO B 181 -21.85 -2.55 28.97
CA PRO B 181 -21.01 -2.24 27.81
C PRO B 181 -19.58 -2.66 28.03
N ASP B 182 -19.07 -2.53 29.24
CA ASP B 182 -17.73 -2.94 29.60
C ASP B 182 -17.50 -4.43 29.53
N ALA B 183 -18.49 -5.31 29.56
CA ALA B 183 -18.33 -6.73 29.51
C ALA B 183 -17.89 -7.35 28.19
N ILE B 184 -17.94 -6.63 27.09
CA ILE B 184 -17.54 -7.24 25.82
C ILE B 184 -16.02 -7.14 25.60
N ALA B 185 -15.34 -6.46 26.51
CA ALA B 185 -13.90 -6.27 26.42
C ALA B 185 -13.11 -7.51 26.06
N SER B 186 -13.20 -8.53 26.92
CA SER B 186 -12.43 -9.74 26.69
C SER B 186 -12.92 -10.49 25.46
N ASP B 187 -14.24 -10.31 25.18
CA ASP B 187 -14.76 -11.02 24.02
C ASP B 187 -14.19 -10.42 22.73
N VAL B 188 -14.13 -9.12 22.62
CA VAL B 188 -13.61 -8.42 21.48
C VAL B 188 -12.11 -8.77 21.36
N ALA B 189 -11.42 -8.66 22.49
CA ALA B 189 -9.99 -9.04 22.46
C ALA B 189 -9.75 -10.40 21.89
N ARG B 190 -10.48 -11.46 22.24
CA ARG B 190 -10.32 -12.80 21.71
C ARG B 190 -10.59 -12.82 20.21
N LEU B 191 -11.68 -12.16 19.81
CA LEU B 191 -12.03 -12.11 18.39
C LEU B 191 -10.92 -11.42 17.59
N HIS B 192 -10.52 -10.26 18.05
CA HIS B 192 -9.45 -9.48 17.42
C HIS B 192 -8.21 -10.32 17.16
N ALA B 193 -7.81 -11.06 18.20
CA ALA B 193 -6.61 -11.92 18.03
C ALA B 193 -6.78 -12.91 16.91
N HIS B 194 -8.00 -13.53 16.78
CA HIS B 194 -8.29 -14.47 15.73
C HIS B 194 -8.36 -13.83 14.37
N TYR B 195 -8.94 -12.62 14.27
CA TYR B 195 -9.06 -11.86 13.04
C TYR B 195 -7.68 -11.43 12.52
N LEU B 196 -6.75 -11.16 13.44
CA LEU B 196 -5.38 -10.81 12.96
C LEU B 196 -4.75 -12.08 12.43
N GLN B 197 -5.07 -13.25 13.02
CA GLN B 197 -4.50 -14.49 12.45
C GLN B 197 -5.05 -14.75 11.08
N LEU B 198 -6.42 -14.67 10.96
CA LEU B 198 -7.05 -14.86 9.67
C LEU B 198 -6.53 -13.90 8.61
N ALA B 199 -6.33 -12.65 8.97
CA ALA B 199 -5.88 -11.64 8.05
C ALA B 199 -4.44 -11.87 7.58
N SER B 200 -3.65 -12.43 8.50
CA SER B 200 -2.25 -12.68 8.22
C SER B 200 -2.04 -13.76 7.16
N GLN B 201 -3.01 -14.65 7.02
CA GLN B 201 -2.90 -15.74 6.08
C GLN B 201 -3.85 -15.76 4.92
N PHE B 202 -4.93 -14.96 4.96
CA PHE B 202 -5.91 -15.12 3.88
C PHE B 202 -5.51 -14.91 2.47
N VAL B 203 -4.57 -14.03 2.12
CA VAL B 203 -4.23 -13.84 0.74
C VAL B 203 -3.54 -15.04 0.11
N SER B 204 -2.65 -15.70 0.83
CA SER B 204 -1.97 -16.84 0.16
C SER B 204 -2.40 -18.20 0.60
N GLN B 205 -3.31 -18.29 1.55
CA GLN B 205 -3.84 -19.57 2.05
C GLN B 205 -4.33 -20.47 0.95
N GLU B 206 -3.66 -21.64 0.73
CA GLU B 206 -4.04 -22.50 -0.37
C GLU B 206 -5.36 -23.18 -0.15
N LYS B 207 -5.58 -23.70 1.05
CA LYS B 207 -6.83 -24.40 1.35
C LYS B 207 -7.66 -23.63 2.36
N PRO B 208 -8.97 -23.70 2.24
CA PRO B 208 -9.88 -23.00 3.13
C PRO B 208 -9.73 -23.34 4.60
N GLU B 209 -10.23 -22.44 5.43
CA GLU B 209 -10.33 -22.44 6.86
C GLU B 209 -9.09 -22.02 7.63
N SER C 2 -13.80 0.20 -22.43
CA SER C 2 -14.68 0.78 -23.44
C SER C 2 -14.26 2.23 -23.72
N LEU C 3 -14.05 2.60 -24.97
CA LEU C 3 -13.65 3.99 -25.26
C LEU C 3 -14.87 4.90 -25.07
N ARG C 4 -14.66 5.99 -24.34
CA ARG C 4 -15.71 6.94 -24.05
C ARG C 4 -15.35 8.28 -24.70
N TYR C 5 -16.40 8.97 -25.09
CA TYR C 5 -16.25 10.25 -25.74
C TYR C 5 -16.07 11.30 -24.65
N ILE C 6 -15.01 12.11 -24.77
CA ILE C 6 -14.69 13.07 -23.73
C ILE C 6 -14.86 14.53 -24.16
N VAL C 7 -15.79 15.24 -23.54
CA VAL C 7 -15.96 16.67 -23.79
C VAL C 7 -15.29 17.40 -22.64
N ALA C 8 -14.19 18.14 -22.92
CA ALA C 8 -13.60 18.90 -21.81
C ALA C 8 -14.32 20.23 -21.64
N LEU C 9 -14.45 20.68 -20.39
CA LEU C 9 -15.06 21.95 -20.07
C LEU C 9 -14.05 22.83 -19.39
N THR C 10 -13.87 24.05 -19.88
CA THR C 10 -12.91 24.93 -19.19
C THR C 10 -13.44 26.33 -19.13
N GLY C 11 -12.78 27.25 -18.46
CA GLY C 11 -13.17 28.63 -18.32
C GLY C 11 -12.25 29.26 -17.26
N GLY C 12 -12.17 30.57 -17.25
CA GLY C 12 -11.32 31.25 -16.26
C GLY C 12 -12.07 31.48 -14.96
N ILE C 13 -11.38 32.16 -14.04
CA ILE C 13 -11.99 32.49 -12.76
C ILE C 13 -13.20 33.39 -12.95
N GLY C 14 -14.28 33.01 -12.26
CA GLY C 14 -15.51 33.81 -12.38
C GLY C 14 -16.35 33.44 -13.60
N SER C 15 -15.96 32.37 -14.30
CA SER C 15 -16.72 31.95 -15.47
C SER C 15 -18.00 31.22 -15.06
N GLY C 16 -18.10 30.73 -13.84
CA GLY C 16 -19.34 30.03 -13.43
C GLY C 16 -19.45 28.69 -14.14
N LYS C 17 -18.30 28.05 -14.43
CA LYS C 17 -18.34 26.77 -15.14
C LYS C 17 -19.14 25.70 -14.42
N SER C 18 -19.24 25.73 -13.08
CA SER C 18 -20.04 24.75 -12.36
C SER C 18 -21.51 24.83 -12.75
N THR C 19 -22.01 26.00 -13.11
CA THR C 19 -23.39 26.17 -13.56
C THR C 19 -23.62 25.37 -14.85
N VAL C 20 -22.61 25.50 -15.76
CA VAL C 20 -22.68 24.78 -17.01
C VAL C 20 -22.57 23.29 -16.80
N ALA C 21 -21.65 22.85 -15.93
CA ALA C 21 -21.47 21.41 -15.71
C ALA C 21 -22.74 20.82 -15.08
N ASN C 22 -23.38 21.57 -14.21
CA ASN C 22 -24.63 21.05 -13.57
C ASN C 22 -25.76 20.90 -14.59
N ALA C 23 -25.87 21.78 -15.58
CA ALA C 23 -26.89 21.63 -16.62
C ALA C 23 -26.70 20.34 -17.41
N PHE C 24 -25.46 19.95 -17.67
CA PHE C 24 -25.17 18.70 -18.35
C PHE C 24 -25.47 17.54 -17.40
N ALA C 25 -25.08 17.67 -16.14
CA ALA C 25 -25.37 16.61 -15.17
C ALA C 25 -26.89 16.36 -15.11
N ASP C 26 -27.66 17.43 -15.17
CA ASP C 26 -29.14 17.17 -15.15
C ASP C 26 -29.64 16.42 -16.34
N LEU C 27 -28.89 16.38 -17.45
CA LEU C 27 -29.23 15.64 -18.65
C LEU C 27 -28.70 14.21 -18.58
N GLY C 28 -28.13 13.82 -17.46
CA GLY C 28 -27.61 12.51 -17.18
C GLY C 28 -26.12 12.34 -17.41
N ILE C 29 -25.44 13.42 -17.82
CA ILE C 29 -24.01 13.25 -18.11
C ILE C 29 -23.12 13.15 -16.90
N ASN C 30 -22.22 12.15 -16.93
CA ASN C 30 -21.28 12.00 -15.83
C ASN C 30 -20.19 13.07 -15.92
N VAL C 31 -20.08 13.85 -14.87
CA VAL C 31 -19.08 14.91 -14.74
C VAL C 31 -17.86 14.44 -13.98
N ILE C 32 -16.69 14.53 -14.63
CA ILE C 32 -15.39 14.11 -14.02
C ILE C 32 -14.63 15.41 -13.81
N ASP C 33 -14.37 15.77 -12.55
CA ASP C 33 -13.76 17.04 -12.19
C ASP C 33 -12.31 16.94 -11.76
N ALA C 34 -11.43 17.59 -12.52
CA ALA C 34 -10.00 17.53 -12.30
C ALA C 34 -9.58 17.97 -10.89
N ASP C 35 -10.26 18.95 -10.33
CA ASP C 35 -9.89 19.41 -8.97
C ASP C 35 -10.30 18.36 -7.93
N ILE C 36 -11.48 17.81 -8.14
CA ILE C 36 -11.95 16.76 -7.21
C ILE C 36 -10.99 15.58 -7.24
N ILE C 37 -10.57 15.10 -8.38
CA ILE C 37 -9.62 13.99 -8.52
C ILE C 37 -8.29 14.33 -7.89
N ALA C 38 -7.82 15.58 -8.11
CA ALA C 38 -6.53 15.96 -7.54
C ALA C 38 -6.59 15.91 -6.02
N ARG C 39 -7.70 16.29 -5.43
CA ARG C 39 -7.87 16.23 -3.97
C ARG C 39 -7.87 14.77 -3.51
N GLN C 40 -8.58 13.92 -4.26
CA GLN C 40 -8.68 12.51 -3.92
C GLN C 40 -7.37 11.76 -3.91
N VAL C 41 -6.47 12.03 -4.87
CA VAL C 41 -5.20 11.32 -4.91
C VAL C 41 -4.30 11.61 -3.72
N VAL C 42 -4.52 12.71 -3.01
CA VAL C 42 -3.69 13.09 -1.86
C VAL C 42 -4.51 13.19 -0.58
N GLU C 43 -5.65 12.49 -0.53
CA GLU C 43 -6.49 12.53 0.65
C GLU C 43 -6.04 11.49 1.68
N PRO C 44 -6.45 11.71 2.92
CA PRO C 44 -6.12 10.82 4.03
C PRO C 44 -6.28 9.36 3.67
N GLY C 45 -5.20 8.59 3.68
CA GLY C 45 -5.21 7.18 3.40
C GLY C 45 -4.92 6.75 1.99
N ALA C 46 -4.71 7.70 1.08
CA ALA C 46 -4.43 7.34 -0.31
C ALA C 46 -3.03 6.82 -0.55
N PRO C 47 -2.88 6.01 -1.60
CA PRO C 47 -1.63 5.41 -2.00
C PRO C 47 -0.45 6.36 -2.10
N ALA C 48 -0.63 7.52 -2.74
CA ALA C 48 0.42 8.50 -2.91
C ALA C 48 0.76 9.23 -1.63
N LEU C 49 -0.24 9.52 -0.80
CA LEU C 49 -0.08 10.24 0.43
C LEU C 49 1.10 9.87 1.29
N HIS C 50 1.45 8.59 1.38
CA HIS C 50 2.58 8.15 2.19
C HIS C 50 3.67 7.51 1.36
N ALA C 58 7.81 10.88 6.63
CA ALA C 58 6.98 10.32 7.70
C ALA C 58 6.34 11.43 8.54
N ASN C 59 6.92 12.62 8.45
CA ASN C 59 6.43 13.79 9.19
C ASN C 59 5.56 14.69 8.34
N MET C 60 5.40 14.37 7.06
CA MET C 60 4.57 15.17 6.16
C MET C 60 3.09 14.88 6.36
N ILE C 61 2.75 13.71 6.90
CA ILE C 61 1.36 13.32 7.13
C ILE C 61 0.91 13.66 8.53
N ALA C 62 -0.17 14.44 8.64
CA ALA C 62 -0.71 14.86 9.91
C ALA C 62 -1.32 13.72 10.72
N ALA C 63 -1.81 14.06 11.91
CA ALA C 63 -2.43 13.10 12.81
C ALA C 63 -3.81 12.72 12.29
N ASP C 64 -4.45 13.65 11.61
CA ASP C 64 -5.76 13.49 11.01
C ASP C 64 -5.76 12.45 9.89
N GLY C 65 -4.59 12.19 9.31
CA GLY C 65 -4.44 11.21 8.26
C GLY C 65 -4.03 11.87 6.94
N THR C 66 -4.26 13.17 6.87
CA THR C 66 -3.97 14.00 5.73
C THR C 66 -2.50 14.34 5.56
N LEU C 67 -2.20 14.98 4.42
CA LEU C 67 -0.86 15.42 4.07
C LEU C 67 -0.52 16.68 4.87
N TRP C 85 11.41 10.21 -6.37
CA TRP C 85 10.95 10.88 -5.18
C TRP C 85 9.91 11.95 -5.54
N LEU C 86 10.28 12.73 -6.55
CA LEU C 86 9.45 13.80 -7.09
C LEU C 86 8.09 13.31 -7.56
N ASN C 87 7.45 14.12 -8.41
CA ASN C 87 6.17 13.94 -9.02
C ASN C 87 6.02 12.92 -10.13
N ALA C 88 6.87 11.90 -10.13
CA ALA C 88 6.74 10.79 -11.09
C ALA C 88 5.69 9.87 -10.44
N LEU C 89 5.29 10.24 -9.23
CA LEU C 89 4.31 9.63 -8.39
C LEU C 89 2.90 10.20 -8.57
N LEU C 90 2.68 11.50 -8.43
CA LEU C 90 1.37 12.09 -8.53
C LEU C 90 0.74 12.10 -9.92
N HIS C 91 1.52 12.41 -10.95
CA HIS C 91 1.01 12.47 -12.32
C HIS C 91 0.29 11.22 -12.75
N PRO C 92 0.95 10.06 -12.72
CA PRO C 92 0.33 8.80 -13.11
C PRO C 92 -0.87 8.45 -12.25
N LEU C 93 -0.88 8.85 -10.98
CA LEU C 93 -2.02 8.52 -10.12
C LEU C 93 -3.23 9.34 -10.53
N ILE C 94 -2.99 10.57 -10.96
CA ILE C 94 -4.09 11.44 -11.43
C ILE C 94 -4.64 10.89 -12.73
N GLN C 95 -3.75 10.47 -13.63
CA GLN C 95 -4.22 9.94 -14.92
C GLN C 95 -5.02 8.67 -14.70
N GLN C 96 -4.55 7.80 -13.83
CA GLN C 96 -5.19 6.54 -13.49
C GLN C 96 -6.57 6.76 -12.89
N GLU C 97 -6.66 7.73 -11.96
CA GLU C 97 -7.97 7.98 -11.34
C GLU C 97 -8.90 8.65 -12.38
N THR C 98 -8.32 9.46 -13.25
CA THR C 98 -9.18 10.14 -14.27
C THR C 98 -9.74 9.08 -15.20
N GLN C 99 -8.92 8.12 -15.64
CA GLN C 99 -9.40 7.05 -16.53
C GLN C 99 -10.38 6.14 -15.80
N HIS C 100 -10.12 5.92 -14.51
CA HIS C 100 -11.00 5.06 -13.71
C HIS C 100 -12.40 5.65 -13.65
N GLN C 101 -12.48 6.97 -13.47
CA GLN C 101 -13.81 7.62 -13.39
C GLN C 101 -14.48 7.68 -14.75
N ILE C 102 -13.70 7.82 -15.81
CA ILE C 102 -14.26 7.83 -17.18
C ILE C 102 -14.83 6.47 -17.49
N GLN C 103 -14.17 5.38 -17.06
CA GLN C 103 -14.70 4.04 -17.30
C GLN C 103 -15.93 3.72 -16.48
N GLN C 104 -16.06 4.34 -15.34
CA GLN C 104 -17.13 4.23 -14.38
C GLN C 104 -18.43 4.87 -14.84
N ALA C 105 -18.30 5.81 -15.79
CA ALA C 105 -19.43 6.54 -16.34
C ALA C 105 -20.34 5.66 -17.18
N THR C 106 -21.64 5.96 -17.10
CA THR C 106 -22.63 5.19 -17.84
C THR C 106 -23.33 6.11 -18.85
N SER C 107 -22.91 7.40 -18.83
CA SER C 107 -23.51 8.33 -19.77
C SER C 107 -22.91 8.14 -21.14
N PRO C 108 -23.61 8.57 -22.19
CA PRO C 108 -23.19 8.45 -23.55
C PRO C 108 -21.87 9.14 -23.88
N TYR C 109 -21.57 10.19 -23.17
CA TYR C 109 -20.34 10.94 -23.27
C TYR C 109 -20.07 11.49 -21.87
N VAL C 110 -18.81 11.86 -21.59
CA VAL C 110 -18.50 12.39 -20.29
C VAL C 110 -18.08 13.86 -20.38
N LEU C 111 -18.29 14.62 -19.34
CA LEU C 111 -17.89 16.02 -19.29
C LEU C 111 -16.72 16.13 -18.32
N TRP C 112 -15.53 16.44 -18.82
CA TRP C 112 -14.30 16.49 -18.01
C TRP C 112 -13.99 17.93 -17.67
N VAL C 113 -14.19 18.34 -16.42
CA VAL C 113 -14.00 19.75 -16.05
C VAL C 113 -12.57 20.01 -15.62
N VAL C 114 -11.94 20.86 -16.42
CA VAL C 114 -10.49 21.13 -16.23
C VAL C 114 -10.15 22.58 -16.25
N PRO C 115 -10.09 23.23 -15.10
CA PRO C 115 -9.74 24.64 -15.00
C PRO C 115 -8.48 25.00 -15.77
N LEU C 116 -7.42 24.21 -15.73
CA LEU C 116 -6.17 24.53 -16.43
C LEU C 116 -6.01 23.86 -17.77
N LEU C 117 -7.16 23.64 -18.45
CA LEU C 117 -7.09 22.96 -19.76
C LEU C 117 -6.12 23.59 -20.73
N VAL C 118 -6.22 24.90 -20.91
CA VAL C 118 -5.34 25.59 -21.85
C VAL C 118 -3.94 25.74 -21.29
N GLU C 119 -3.82 26.16 -20.04
CA GLU C 119 -2.51 26.33 -19.40
C GLU C 119 -1.67 25.09 -19.42
N ASN C 120 -2.24 23.91 -19.21
CA ASN C 120 -1.51 22.66 -19.17
C ASN C 120 -1.67 21.86 -20.45
N SER C 121 -2.24 22.46 -21.49
CA SER C 121 -2.41 21.79 -22.78
C SER C 121 -3.11 20.45 -22.70
N LEU C 122 -4.09 20.39 -21.77
CA LEU C 122 -4.84 19.15 -21.56
C LEU C 122 -5.98 18.97 -22.56
N TYR C 123 -6.21 19.94 -23.44
CA TYR C 123 -7.16 19.82 -24.53
C TYR C 123 -6.68 18.77 -25.53
N LYS C 124 -5.39 18.31 -25.44
CA LYS C 124 -4.90 17.30 -26.34
C LYS C 124 -5.49 15.91 -26.00
N LYS C 125 -6.10 15.82 -24.81
CA LYS C 125 -6.70 14.62 -24.31
C LYS C 125 -8.22 14.61 -24.36
N ALA C 126 -8.77 15.64 -25.00
CA ALA C 126 -10.23 15.75 -25.13
C ALA C 126 -10.64 15.58 -26.57
N ASN C 127 -11.81 14.95 -26.83
CA ASN C 127 -12.34 14.80 -28.14
C ASN C 127 -13.04 16.09 -28.58
N ARG C 128 -13.54 16.84 -27.61
CA ARG C 128 -14.25 18.12 -27.89
C ARG C 128 -13.98 19.09 -26.74
N VAL C 129 -13.76 20.34 -27.08
CA VAL C 129 -13.50 21.36 -26.04
C VAL C 129 -14.61 22.40 -26.04
N LEU C 130 -15.19 22.55 -24.84
CA LEU C 130 -16.26 23.52 -24.60
C LEU C 130 -15.73 24.57 -23.64
N VAL C 131 -15.71 25.85 -24.13
CA VAL C 131 -15.27 26.93 -23.27
C VAL C 131 -16.43 27.74 -22.69
N VAL C 132 -16.44 27.90 -21.37
CA VAL C 132 -17.48 28.75 -20.69
C VAL C 132 -16.87 30.17 -20.73
N ASP C 133 -17.40 30.98 -21.64
CA ASP C 133 -16.84 32.31 -21.88
C ASP C 133 -17.61 33.42 -21.21
N VAL C 134 -16.89 34.40 -20.66
CA VAL C 134 -17.52 35.55 -20.04
C VAL C 134 -16.58 36.73 -20.30
N SER C 135 -17.06 37.97 -20.16
CA SER C 135 -16.13 39.09 -20.35
C SER C 135 -15.22 39.21 -19.14
N PRO C 136 -14.09 39.89 -19.31
CA PRO C 136 -13.18 40.12 -18.17
C PRO C 136 -13.91 40.90 -17.08
N GLU C 137 -14.83 41.79 -17.43
CA GLU C 137 -15.63 42.54 -16.46
C GLU C 137 -16.42 41.57 -15.59
N THR C 138 -17.05 40.54 -16.21
CA THR C 138 -17.80 39.56 -15.46
C THR C 138 -16.90 38.75 -14.54
N GLN C 139 -15.71 38.39 -15.04
CA GLN C 139 -14.79 37.62 -14.19
C GLN C 139 -14.50 38.42 -12.91
N LEU C 140 -14.19 39.68 -13.08
CA LEU C 140 -13.88 40.54 -11.92
C LEU C 140 -15.09 40.74 -11.01
N LYS C 141 -16.20 41.17 -11.51
CA LYS C 141 -17.41 41.43 -10.74
C LYS C 141 -17.88 40.21 -9.97
N ARG C 142 -17.93 39.07 -10.63
CA ARG C 142 -18.37 37.83 -9.99
C ARG C 142 -17.39 37.38 -8.92
N THR C 143 -16.08 37.39 -9.21
CA THR C 143 -15.13 36.94 -8.19
C THR C 143 -15.06 37.89 -7.01
N MET C 144 -15.16 39.20 -7.25
CA MET C 144 -15.11 40.18 -6.17
C MET C 144 -16.27 39.93 -5.18
N GLN C 145 -17.42 39.59 -5.71
CA GLN C 145 -18.62 39.36 -4.92
C GLN C 145 -18.60 38.02 -4.20
N ARG C 146 -18.07 36.98 -4.83
CA ARG C 146 -18.02 35.64 -4.27
C ARG C 146 -17.03 35.47 -3.13
N ASP C 147 -15.80 35.93 -3.32
CA ASP C 147 -14.75 35.82 -2.32
C ASP C 147 -14.55 37.07 -1.50
N ASP C 148 -15.26 38.14 -1.83
CA ASP C 148 -15.10 39.40 -1.10
C ASP C 148 -13.64 39.84 -1.15
N VAL C 149 -13.10 39.90 -2.37
CA VAL C 149 -11.72 40.31 -2.60
C VAL C 149 -11.66 41.59 -3.42
N THR C 150 -10.49 42.23 -3.45
CA THR C 150 -10.40 43.48 -4.22
C THR C 150 -10.37 43.18 -5.72
N ARG C 151 -10.63 44.24 -6.49
CA ARG C 151 -10.62 44.16 -7.94
C ARG C 151 -9.19 43.86 -8.39
N GLU C 152 -8.23 44.55 -7.75
CA GLU C 152 -6.81 44.36 -8.04
C GLU C 152 -6.42 42.92 -7.73
N HIS C 153 -7.03 42.33 -6.70
CA HIS C 153 -6.74 40.95 -6.35
C HIS C 153 -7.16 39.99 -7.49
N VAL C 154 -8.33 40.25 -8.06
CA VAL C 154 -8.81 39.40 -9.17
C VAL C 154 -7.93 39.63 -10.39
N GLU C 155 -7.51 40.86 -10.61
CA GLU C 155 -6.61 41.22 -11.71
C GLU C 155 -5.33 40.41 -11.68
N GLN C 156 -4.79 40.09 -10.50
CA GLN C 156 -3.59 39.27 -10.39
C GLN C 156 -3.88 37.83 -10.80
N ILE C 157 -5.08 37.32 -10.47
CA ILE C 157 -5.45 35.96 -10.87
C ILE C 157 -5.64 35.95 -12.40
N LEU C 158 -6.22 37.00 -12.96
CA LEU C 158 -6.45 37.06 -14.40
C LEU C 158 -5.12 37.07 -15.18
N ALA C 159 -4.12 37.73 -14.60
CA ALA C 159 -2.82 37.82 -15.25
C ALA C 159 -2.04 36.52 -15.18
N ALA C 160 -2.39 35.63 -14.27
CA ALA C 160 -1.77 34.35 -14.07
C ALA C 160 -2.41 33.22 -14.86
N GLN C 161 -3.64 33.41 -15.33
CA GLN C 161 -4.31 32.40 -16.13
C GLN C 161 -4.21 32.74 -17.62
N ALA C 162 -4.55 31.74 -18.43
CA ALA C 162 -4.57 32.01 -19.88
C ALA C 162 -5.61 33.09 -20.17
N THR C 163 -5.37 33.78 -21.31
CA THR C 163 -6.31 34.84 -21.69
C THR C 163 -7.62 34.26 -22.25
N ARG C 164 -8.57 35.21 -22.36
CA ARG C 164 -9.87 34.80 -22.96
C ARG C 164 -9.65 34.25 -24.37
N GLU C 165 -8.82 34.95 -25.12
CA GLU C 165 -8.53 34.59 -26.51
C GLU C 165 -7.73 33.31 -26.64
N ALA C 166 -6.91 32.96 -25.69
CA ALA C 166 -6.13 31.71 -25.68
C ALA C 166 -7.07 30.55 -25.50
N ARG C 167 -8.12 30.77 -24.66
CA ARG C 167 -9.11 29.67 -24.52
C ARG C 167 -9.93 29.55 -25.78
N LEU C 168 -10.39 30.67 -26.37
CA LEU C 168 -11.17 30.57 -27.60
C LEU C 168 -10.41 29.88 -28.71
N ALA C 169 -9.09 30.04 -28.77
CA ALA C 169 -8.26 29.46 -29.81
C ALA C 169 -8.34 27.94 -29.87
N VAL C 170 -8.53 27.30 -28.74
CA VAL C 170 -8.61 25.84 -28.71
C VAL C 170 -10.04 25.34 -28.56
N ALA C 171 -11.03 26.25 -28.55
CA ALA C 171 -12.39 25.72 -28.34
C ALA C 171 -13.07 25.23 -29.60
N ASP C 172 -13.83 24.15 -29.41
CA ASP C 172 -14.68 23.65 -30.50
C ASP C 172 -16.03 24.38 -30.40
N ASP C 173 -16.45 24.61 -29.14
CA ASP C 173 -17.71 25.26 -28.83
C ASP C 173 -17.50 26.29 -27.72
N VAL C 174 -18.31 27.34 -27.78
CA VAL C 174 -18.27 28.39 -26.77
C VAL C 174 -19.65 28.63 -26.20
N ILE C 175 -19.80 28.79 -24.92
CA ILE C 175 -21.09 29.04 -24.25
C ILE C 175 -20.96 30.29 -23.39
N ASP C 176 -21.75 31.31 -23.74
CA ASP C 176 -21.68 32.58 -22.98
C ASP C 176 -22.28 32.37 -21.62
N ASN C 177 -21.63 32.71 -20.52
CA ASN C 177 -22.28 32.54 -19.21
C ASN C 177 -22.18 33.85 -18.43
N ASN C 178 -22.37 34.95 -19.17
CA ASN C 178 -22.28 36.26 -18.56
C ASN C 178 -23.49 36.55 -17.66
N GLY C 179 -24.63 35.91 -17.90
CA GLY C 179 -25.80 36.20 -17.10
C GLY C 179 -26.14 35.18 -16.02
N ALA C 180 -27.47 35.00 -15.88
CA ALA C 180 -28.07 34.10 -14.92
C ALA C 180 -28.05 32.66 -15.41
N PRO C 181 -28.06 31.73 -14.47
CA PRO C 181 -28.02 30.31 -14.68
C PRO C 181 -28.95 29.79 -15.74
N ASP C 182 -30.18 30.31 -15.77
CA ASP C 182 -31.16 29.88 -16.73
C ASP C 182 -30.87 30.33 -18.14
N ALA C 183 -30.01 31.35 -18.34
CA ALA C 183 -29.73 31.83 -19.69
C ALA C 183 -28.92 30.87 -20.54
N ILE C 184 -28.31 29.85 -19.95
CA ILE C 184 -27.50 28.96 -20.79
C ILE C 184 -28.28 27.80 -21.36
N ALA C 185 -29.59 27.77 -21.03
CA ALA C 185 -30.36 26.59 -21.44
C ALA C 185 -30.37 26.31 -22.90
N SER C 186 -30.67 27.32 -23.73
CA SER C 186 -30.72 27.08 -25.17
C SER C 186 -29.42 26.51 -25.72
N ASP C 187 -28.29 27.01 -25.22
CA ASP C 187 -26.99 26.50 -25.69
C ASP C 187 -26.70 25.09 -25.16
N VAL C 188 -27.04 24.79 -23.93
CA VAL C 188 -26.81 23.46 -23.37
C VAL C 188 -27.61 22.42 -24.15
N ALA C 189 -28.87 22.82 -24.50
CA ALA C 189 -29.68 21.83 -25.23
C ALA C 189 -29.10 21.52 -26.59
N ARG C 190 -28.65 22.56 -27.28
CA ARG C 190 -28.08 22.46 -28.58
C ARG C 190 -26.78 21.65 -28.55
N LEU C 191 -25.98 21.92 -27.51
CA LEU C 191 -24.68 21.24 -27.42
C LEU C 191 -24.86 19.77 -27.08
N HIS C 192 -25.75 19.54 -26.13
CA HIS C 192 -26.00 18.15 -25.69
C HIS C 192 -26.41 17.29 -26.88
N ALA C 193 -27.34 17.85 -27.69
CA ALA C 193 -27.80 17.04 -28.83
C ALA C 193 -26.67 16.76 -29.79
N HIS C 194 -25.75 17.74 -29.99
CA HIS C 194 -24.65 17.53 -30.89
C HIS C 194 -23.68 16.49 -30.28
N TYR C 195 -23.46 16.62 -28.98
CA TYR C 195 -22.52 15.66 -28.32
C TYR C 195 -23.03 14.24 -28.37
N LEU C 196 -24.35 14.08 -28.14
CA LEU C 196 -24.92 12.71 -28.28
C LEU C 196 -24.65 12.20 -29.68
N GLN C 197 -24.88 13.01 -30.71
CA GLN C 197 -24.61 12.61 -32.10
C GLN C 197 -23.14 12.30 -32.29
N LEU C 198 -22.21 13.15 -31.87
CA LEU C 198 -20.80 12.93 -32.02
C LEU C 198 -20.34 11.65 -31.29
N ALA C 199 -20.83 11.42 -30.07
CA ALA C 199 -20.42 10.27 -29.27
C ALA C 199 -20.91 8.97 -29.87
N SER C 200 -22.12 9.05 -30.44
CA SER C 200 -22.73 7.84 -31.03
C SER C 200 -22.05 7.37 -32.27
N GLN C 201 -21.28 8.22 -32.94
CA GLN C 201 -20.61 7.86 -34.17
C GLN C 201 -19.09 7.94 -34.12
N PHE C 202 -18.52 8.43 -33.03
CA PHE C 202 -17.08 8.61 -33.01
C PHE C 202 -16.28 7.36 -33.20
N VAL C 203 -16.71 6.22 -32.64
CA VAL C 203 -15.86 5.03 -32.83
C VAL C 203 -15.79 4.57 -34.26
N SER C 204 -16.91 4.60 -34.99
CA SER C 204 -16.88 4.12 -36.37
C SER C 204 -16.71 5.18 -37.42
N GLN C 205 -16.84 6.45 -37.06
CA GLN C 205 -16.74 7.59 -37.96
C GLN C 205 -15.51 7.55 -38.86
N GLU C 206 -15.74 7.50 -40.17
CA GLU C 206 -14.65 7.44 -41.13
C GLU C 206 -14.32 8.81 -41.71
N LYS C 207 -15.26 9.75 -41.61
CA LYS C 207 -15.04 11.11 -42.11
C LYS C 207 -15.24 12.06 -40.93
N PRO C 208 -14.14 12.37 -40.25
CA PRO C 208 -14.18 13.24 -39.09
C PRO C 208 -14.74 14.61 -39.47
PB ADP D . 28.47 -24.07 2.95
O1B ADP D . 28.33 -24.49 4.39
O2B ADP D . 29.97 -23.97 2.39
O3B ADP D . 27.73 -22.80 2.70
PA ADP D . 28.10 -25.99 0.84
O1A ADP D . 28.72 -25.18 -0.17
O2A ADP D . 29.09 -27.10 1.17
O3A ADP D . 27.74 -25.14 2.10
O5' ADP D . 26.71 -26.66 0.51
C5' ADP D . 26.07 -27.46 1.56
C4' ADP D . 25.74 -28.79 0.85
O4' ADP D . 24.79 -28.49 -0.19
C3' ADP D . 26.96 -29.40 0.18
O3' ADP D . 27.00 -30.81 0.34
C2' ADP D . 26.78 -29.11 -1.30
O2' ADP D . 27.37 -30.14 -2.12
C1' ADP D . 25.30 -29.02 -1.42
N9 ADP D . 24.82 -28.23 -2.58
C8 ADP D . 25.27 -27.04 -3.01
N7 ADP D . 24.32 -26.48 -3.79
C5 ADP D . 23.28 -27.28 -3.83
C6 ADP D . 22.04 -27.27 -4.43
N6 ADP D . 21.62 -26.25 -5.18
N1 ADP D . 21.19 -28.32 -4.25
C2 ADP D . 21.54 -29.38 -3.51
N3 ADP D . 22.73 -29.41 -2.92
C4 ADP D . 23.60 -28.40 -3.06
C ACT E . -28.36 -0.71 17.94
O ACT E . -29.50 -0.39 17.35
OXT ACT E . -27.31 -1.19 17.41
CH3 ACT E . -28.25 -0.46 19.41
C ACT F . -15.80 29.99 -11.63
O ACT F . -16.09 29.09 -12.54
OXT ACT F . -14.63 30.18 -11.11
CH3 ACT F . -16.82 30.91 -11.10
#